data_6PAU
#
_entry.id   6PAU
#
_cell.length_a   63.162
_cell.length_b   46.350
_cell.length_c   74.395
_cell.angle_alpha   90.00
_cell.angle_beta   114.25
_cell.angle_gamma   90.00
#
_symmetry.space_group_name_H-M   'P 1 21 1'
#
loop_
_entity.id
_entity.type
_entity.pdbx_description
1 polymer 'Glycylpeptide N-tetradecanoyltransferase 2'
2 polymer 'Arf6 peptide'
3 non-polymer 'MAGNESIUM ION'
4 non-polymer GLYCEROL
5 non-polymer "4'-diphospho pantetheine"
6 non-polymer 'SULFATE ION'
7 non-polymer 'MYRISTIC ACID'
8 water water
#
loop_
_entity_poly.entity_id
_entity_poly.type
_entity_poly.pdbx_seq_one_letter_code
_entity_poly.pdbx_strand_id
1 'polypeptide(L)'
;KHRYQFWDTQPVPKLDEVITSHGAIEPDKDNVRQEPYSLPQGFMWDTLDLSDAEVLKELYTLLNENYVEDDDNMFRFDYS
PEFLLWALRPPGWLLQWHCGVRVSSNKKLVGFISAIPANIRIYDSVKKMVEINFLCVHKKLRSKRVAPVLIREITRRVNL
EGIFQAVYTAGVVLPKPIATCRYWHRSLNPRKLVEVKFSHLSRNMTLQRTMKLYRLPDVTKTSGLRPMEPKDIKSVRELI
NTYLKQFHLAPVMDEEEVAHWFLPREHIIDTFVVESPNGKLTDFLSFYTLPSTVMHHPAHKSLKAAYSFYNIHTETPLLD
LMSDALILAKSKGFDVFNALDLMENKTFLEKLKFGIGDGNLQYYLYNWRCPGTDSEKVGLVLQ
;
A
2 'polypeptide(L)' KVLSKIF C
#
loop_
_chem_comp.id
_chem_comp.type
_chem_comp.name
_chem_comp.formula
4PS non-polymer '4'-diphospho pantetheine' 'C11 H24 N2 O10 P2 S'
GOL non-polymer GLYCEROL 'C3 H8 O3'
MG non-polymer 'MAGNESIUM ION' 'Mg 2'
MYR non-polymer 'MYRISTIC ACID' 'C14 H28 O2'
SO4 non-polymer 'SULFATE ION' 'O4 S -2'
#
# COMPACT_ATOMS: atom_id res chain seq x y z
N GLY A 23 -25.28 -6.28 -1.93
CA GLY A 23 -25.35 -4.83 -1.93
C GLY A 23 -25.15 -4.25 -0.55
N ALA A 24 -25.62 -3.02 -0.36
CA ALA A 24 -25.49 -2.38 0.94
C ALA A 24 -26.24 -3.15 2.01
N ILE A 25 -25.66 -3.21 3.20
CA ILE A 25 -26.32 -3.87 4.31
C ILE A 25 -27.37 -2.95 4.93
N GLU A 26 -26.95 -1.76 5.34
CA GLU A 26 -27.86 -0.75 5.85
C GLU A 26 -27.97 0.40 4.85
N PRO A 27 -29.16 0.93 4.62
CA PRO A 27 -29.29 2.06 3.68
C PRO A 27 -28.56 3.28 4.19
N ASP A 28 -28.30 4.22 3.28
CA ASP A 28 -27.75 5.50 3.67
C ASP A 28 -28.55 6.08 4.83
N LYS A 29 -27.85 6.55 5.86
CA LYS A 29 -28.51 6.91 7.10
C LYS A 29 -29.35 8.18 6.92
N ASP A 30 -30.43 8.26 7.69
CA ASP A 30 -31.21 9.49 7.81
C ASP A 30 -30.81 10.33 9.01
N ASN A 31 -30.00 9.78 9.91
CA ASN A 31 -29.52 10.53 11.07
C ASN A 31 -28.10 10.09 11.38
N VAL A 32 -27.20 11.06 11.48
CA VAL A 32 -25.80 10.83 11.81
C VAL A 32 -25.44 11.76 12.95
N ARG A 33 -24.65 11.26 13.90
CA ARG A 33 -24.28 12.04 15.06
C ARG A 33 -23.44 13.25 14.66
N GLN A 34 -23.79 14.42 15.21
CA GLN A 34 -23.12 15.67 14.87
C GLN A 34 -21.97 16.01 15.81
N GLU A 35 -21.97 15.52 17.07
CA GLU A 35 -20.90 15.77 18.02
C GLU A 35 -19.92 14.60 18.03
N PRO A 36 -18.62 14.83 18.21
CA PRO A 36 -17.65 13.71 18.19
C PRO A 36 -17.97 12.68 19.27
N TYR A 37 -17.59 11.42 19.01
CA TYR A 37 -17.76 10.40 20.02
C TYR A 37 -16.84 10.67 21.20
N SER A 38 -17.23 10.19 22.38
CA SER A 38 -16.45 10.42 23.59
C SER A 38 -15.25 9.47 23.63
N LEU A 39 -14.08 10.03 23.90
CA LEU A 39 -12.89 9.25 24.18
C LEU A 39 -12.83 8.90 25.66
N PRO A 40 -11.99 7.94 26.05
CA PRO A 40 -11.76 7.71 27.48
C PRO A 40 -11.13 8.93 28.11
N GLN A 41 -11.28 9.04 29.43
CA GLN A 41 -10.68 10.14 30.16
C GLN A 41 -9.17 10.19 29.92
N GLY A 42 -8.65 11.41 29.72
CA GLY A 42 -7.25 11.61 29.47
C GLY A 42 -6.87 11.77 28.02
N PHE A 43 -7.82 11.63 27.09
CA PHE A 43 -7.55 11.74 25.67
C PHE A 43 -8.39 12.87 25.08
N MET A 44 -7.93 13.39 23.94
CA MET A 44 -8.65 14.42 23.22
C MET A 44 -8.48 14.21 21.73
N TRP A 45 -9.51 14.62 20.97
CA TRP A 45 -9.42 14.59 19.52
C TRP A 45 -8.53 15.73 19.02
N ASP A 46 -7.87 15.48 17.89
CA ASP A 46 -7.16 16.55 17.18
C ASP A 46 -7.15 16.20 15.71
N THR A 47 -7.68 17.09 14.87
CA THR A 47 -7.58 16.91 13.43
C THR A 47 -6.19 17.36 12.98
N LEU A 48 -5.45 16.45 12.35
CA LEU A 48 -4.06 16.70 12.01
C LEU A 48 -3.97 17.42 10.67
N ASP A 49 -3.32 18.59 10.67
CA ASP A 49 -3.02 19.32 9.45
C ASP A 49 -1.58 19.00 9.05
N LEU A 50 -1.42 18.05 8.13
CA LEU A 50 -0.11 17.60 7.71
C LEU A 50 0.69 18.66 6.97
N SER A 51 0.06 19.79 6.62
CA SER A 51 0.81 20.89 6.06
C SER A 51 1.73 21.56 7.09
N ASP A 52 1.46 21.35 8.37
CA ASP A 52 2.33 21.82 9.44
C ASP A 52 3.44 20.79 9.63
N ALA A 53 4.68 21.16 9.27
CA ALA A 53 5.78 20.20 9.34
C ALA A 53 5.89 19.57 10.72
N GLU A 54 5.57 20.33 11.76
CA GLU A 54 5.60 19.81 13.13
C GLU A 54 4.64 18.63 13.28
N VAL A 55 3.39 18.81 12.86
CA VAL A 55 2.38 17.76 13.01
C VAL A 55 2.72 16.57 12.13
N LEU A 56 3.20 16.83 10.90
CA LEU A 56 3.58 15.74 10.02
C LEU A 56 4.69 14.90 10.64
N LYS A 57 5.64 15.57 11.30
CA LYS A 57 6.71 14.84 11.98
C LYS A 57 6.15 14.03 13.15
N GLU A 58 5.19 14.59 13.87
CA GLU A 58 4.56 13.83 14.95
C GLU A 58 3.91 12.55 14.42
N LEU A 59 3.21 12.65 13.29
CA LEU A 59 2.57 11.46 12.73
C LEU A 59 3.60 10.46 12.24
N TYR A 60 4.63 10.94 11.54
CA TYR A 60 5.74 10.08 11.14
C TYR A 60 6.31 9.34 12.34
N THR A 61 6.54 10.05 13.44
CA THR A 61 7.13 9.42 14.61
C THR A 61 6.19 8.37 15.20
N LEU A 62 4.90 8.71 15.32
CA LEU A 62 3.92 7.76 15.81
C LEU A 62 3.99 6.45 15.03
N LEU A 63 3.94 6.55 13.70
CA LEU A 63 3.91 5.34 12.88
C LEU A 63 5.27 4.63 12.92
N ASN A 64 6.36 5.39 12.83
CA ASN A 64 7.70 4.80 12.80
C ASN A 64 8.00 4.04 14.08
N GLU A 65 7.38 4.42 15.20
CA GLU A 65 7.62 3.74 16.46
C GLU A 65 6.53 2.78 16.88
N ASN A 66 5.33 2.83 16.26
CA ASN A 66 4.23 2.02 16.75
C ASN A 66 3.42 1.31 15.66
N TYR A 67 3.78 1.42 14.39
CA TYR A 67 2.93 0.87 13.34
C TYR A 67 3.28 -0.60 13.12
N VAL A 68 2.88 -1.17 11.98
CA VAL A 68 2.85 -2.62 11.81
C VAL A 68 4.27 -3.20 11.73
N GLU A 69 4.47 -4.32 12.40
CA GLU A 69 5.72 -5.07 12.35
C GLU A 69 5.48 -6.46 11.77
N ASP A 70 6.56 -7.10 11.34
CA ASP A 70 6.46 -8.46 10.84
C ASP A 70 6.07 -9.41 11.98
N ASP A 71 5.79 -10.67 11.62
CA ASP A 71 5.25 -11.61 12.59
C ASP A 71 6.22 -11.91 13.71
N ASP A 72 7.52 -11.69 13.50
CA ASP A 72 8.53 -11.99 14.50
C ASP A 72 9.16 -10.75 15.09
N ASN A 73 8.59 -9.57 14.83
CA ASN A 73 8.98 -8.31 15.49
C ASN A 73 10.44 -7.97 15.23
N MET A 74 10.89 -8.19 14.00
CA MET A 74 12.22 -7.78 13.59
C MET A 74 12.22 -6.57 12.68
N PHE A 75 11.11 -6.31 11.98
CA PHE A 75 11.00 -5.20 11.05
C PHE A 75 9.74 -4.41 11.36
N ARG A 76 9.80 -3.11 11.08
N ARG A 76 9.78 -3.11 11.07
CA ARG A 76 8.64 -2.23 11.27
CA ARG A 76 8.62 -2.24 11.27
C ARG A 76 8.56 -1.21 10.15
C ARG A 76 8.56 -1.22 10.16
N PHE A 77 7.37 -1.04 9.57
CA PHE A 77 7.21 -0.09 8.48
C PHE A 77 7.85 1.24 8.85
N ASP A 78 8.46 1.91 7.87
CA ASP A 78 9.03 3.23 8.04
C ASP A 78 8.52 4.15 6.94
N TYR A 79 7.22 4.47 6.98
CA TYR A 79 6.65 5.41 6.03
C TYR A 79 7.32 6.78 6.21
N SER A 80 7.80 7.35 5.12
CA SER A 80 8.44 8.65 5.21
C SER A 80 7.40 9.76 5.27
N PRO A 81 7.79 10.94 5.77
CA PRO A 81 6.84 12.07 5.79
C PRO A 81 6.29 12.41 4.42
N GLU A 82 7.17 12.46 3.41
CA GLU A 82 6.73 12.75 2.05
C GLU A 82 5.78 11.65 1.56
N PHE A 83 6.08 10.38 1.90
CA PHE A 83 5.20 9.29 1.51
C PHE A 83 3.81 9.46 2.14
N LEU A 84 3.78 9.84 3.43
CA LEU A 84 2.50 10.03 4.08
C LEU A 84 1.71 11.14 3.39
N LEU A 85 2.39 12.21 2.98
CA LEU A 85 1.70 13.27 2.23
C LEU A 85 1.12 12.74 0.93
N TRP A 86 1.87 11.88 0.23
CA TRP A 86 1.37 11.32 -1.01
C TRP A 86 0.18 10.38 -0.79
N ALA A 87 0.25 9.56 0.26
CA ALA A 87 -0.81 8.58 0.49
C ALA A 87 -2.06 9.20 1.07
N LEU A 88 -1.95 10.31 1.81
CA LEU A 88 -3.06 10.81 2.59
C LEU A 88 -3.71 12.00 1.96
N ARG A 89 -3.16 12.56 0.88
CA ARG A 89 -3.78 13.71 0.21
C ARG A 89 -3.87 13.53 -1.31
N PRO A 90 -4.63 12.53 -1.75
CA PRO A 90 -5.05 12.49 -3.16
C PRO A 90 -6.18 13.49 -3.43
N PRO A 91 -6.53 13.69 -4.70
CA PRO A 91 -7.60 14.66 -4.98
C PRO A 91 -8.84 14.39 -4.15
N GLY A 92 -9.40 15.45 -3.57
CA GLY A 92 -10.59 15.34 -2.75
C GLY A 92 -10.35 14.99 -1.30
N TRP A 93 -9.08 14.89 -0.88
CA TRP A 93 -8.78 14.62 0.52
C TRP A 93 -9.41 15.69 1.42
N LEU A 94 -9.73 15.31 2.65
CA LEU A 94 -10.35 16.21 3.60
C LEU A 94 -9.56 16.22 4.90
N LEU A 95 -9.32 17.42 5.42
CA LEU A 95 -8.60 17.59 6.67
C LEU A 95 -9.26 16.83 7.81
N GLN A 96 -10.58 16.86 7.89
CA GLN A 96 -11.28 16.20 8.99
C GLN A 96 -11.18 14.68 8.93
N TRP A 97 -10.69 14.13 7.85
CA TRP A 97 -10.50 12.68 7.74
C TRP A 97 -9.11 12.22 8.14
N HIS A 98 -8.28 13.13 8.63
CA HIS A 98 -6.97 12.80 9.21
C HIS A 98 -7.13 12.94 10.71
N CYS A 99 -7.67 11.89 11.34
CA CYS A 99 -8.22 11.97 12.70
C CYS A 99 -7.18 11.46 13.68
N GLY A 100 -6.67 12.35 14.54
CA GLY A 100 -5.70 11.96 15.52
C GLY A 100 -6.23 12.08 16.93
N VAL A 101 -5.53 11.42 17.87
CA VAL A 101 -5.89 11.40 19.28
C VAL A 101 -4.62 11.73 20.06
N ARG A 102 -4.73 12.70 20.98
CA ARG A 102 -3.61 13.12 21.80
C ARG A 102 -3.93 12.90 23.28
N VAL A 103 -2.87 12.70 24.07
CA VAL A 103 -3.00 12.73 25.52
C VAL A 103 -3.27 14.16 25.95
N SER A 104 -4.29 14.36 26.77
CA SER A 104 -4.70 15.71 27.14
C SER A 104 -3.61 16.41 27.95
N SER A 105 -2.97 15.71 28.88
CA SER A 105 -2.07 16.38 29.82
C SER A 105 -0.83 16.92 29.15
N ASN A 106 -0.23 16.19 28.21
CA ASN A 106 0.99 16.65 27.56
C ASN A 106 0.87 16.78 26.04
N LYS A 107 -0.33 16.59 25.48
CA LYS A 107 -0.61 16.79 24.06
C LYS A 107 0.11 15.81 23.15
N LYS A 108 0.68 14.74 23.69
CA LYS A 108 1.38 13.75 22.89
C LYS A 108 0.42 13.04 21.94
N LEU A 109 0.83 12.89 20.69
CA LEU A 109 0.03 12.16 19.70
C LEU A 109 0.12 10.67 19.98
N VAL A 110 -1.02 10.02 20.17
CA VAL A 110 -1.00 8.62 20.55
C VAL A 110 -1.97 7.77 19.73
N GLY A 111 -2.81 8.40 18.90
CA GLY A 111 -3.70 7.63 18.03
C GLY A 111 -3.87 8.32 16.69
N PHE A 112 -4.19 7.53 15.67
CA PHE A 112 -4.48 8.06 14.36
C PHE A 112 -5.29 7.08 13.53
N ILE A 113 -6.10 7.65 12.62
CA ILE A 113 -6.76 6.88 11.56
C ILE A 113 -7.04 7.85 10.42
N SER A 114 -7.12 7.33 9.20
CA SER A 114 -7.34 8.18 8.05
C SER A 114 -8.32 7.56 7.08
N ALA A 115 -9.08 8.43 6.41
CA ALA A 115 -9.90 8.07 5.27
C ALA A 115 -9.53 8.96 4.10
N ILE A 116 -9.45 8.36 2.92
CA ILE A 116 -9.29 9.14 1.69
C ILE A 116 -10.40 8.75 0.73
N PRO A 117 -10.95 9.69 -0.06
CA PRO A 117 -12.04 9.33 -0.98
C PRO A 117 -11.53 8.51 -2.16
N ALA A 118 -12.42 7.67 -2.70
CA ALA A 118 -12.08 6.90 -3.88
C ALA A 118 -13.37 6.42 -4.55
N ASN A 119 -13.33 6.36 -5.87
CA ASN A 119 -14.37 5.66 -6.63
C ASN A 119 -13.95 4.21 -6.78
N ILE A 120 -14.68 3.32 -6.12
CA ILE A 120 -14.34 1.89 -6.06
C ILE A 120 -15.43 1.12 -6.78
N ARG A 121 -15.05 0.30 -7.75
CA ARG A 121 -15.97 -0.59 -8.43
C ARG A 121 -15.88 -1.97 -7.76
N ILE A 122 -17.02 -2.44 -7.26
CA ILE A 122 -17.19 -3.78 -6.71
C ILE A 122 -18.15 -4.50 -7.65
N TYR A 123 -17.64 -5.57 -8.33
CA TYR A 123 -18.40 -6.25 -9.45
C TYR A 123 -18.87 -5.14 -10.39
N ASP A 124 -20.19 -4.91 -10.61
CA ASP A 124 -20.72 -3.89 -11.54
C ASP A 124 -20.95 -2.53 -10.90
N SER A 125 -20.85 -2.41 -9.60
CA SER A 125 -21.28 -1.18 -8.94
C SER A 125 -20.08 -0.28 -8.70
N VAL A 126 -20.08 0.91 -9.30
CA VAL A 126 -19.10 1.95 -8.98
C VAL A 126 -19.69 2.80 -7.87
N LYS A 127 -19.04 2.78 -6.70
CA LYS A 127 -19.50 3.51 -5.53
C LYS A 127 -18.45 4.50 -5.06
N LYS A 128 -18.89 5.68 -4.65
CA LYS A 128 -18.02 6.59 -3.92
C LYS A 128 -17.84 6.04 -2.51
N MET A 129 -16.59 5.74 -2.15
CA MET A 129 -16.27 5.16 -0.87
C MET A 129 -15.10 5.94 -0.27
N VAL A 130 -14.69 5.53 0.92
CA VAL A 130 -13.41 5.93 1.47
C VAL A 130 -12.54 4.68 1.61
N GLU A 131 -11.24 4.90 1.53
CA GLU A 131 -10.25 3.91 1.90
C GLU A 131 -9.73 4.29 3.28
N ILE A 132 -9.82 3.34 4.22
CA ILE A 132 -9.39 3.53 5.60
C ILE A 132 -7.98 2.98 5.74
N ASN A 133 -7.11 3.73 6.41
CA ASN A 133 -5.72 3.31 6.52
C ASN A 133 -5.08 3.95 7.74
N PHE A 134 -3.90 3.42 8.08
CA PHE A 134 -3.01 3.99 9.09
C PHE A 134 -3.66 4.03 10.47
N LEU A 135 -4.56 3.09 10.75
CA LEU A 135 -5.06 2.94 12.11
C LEU A 135 -3.91 2.51 13.01
N CYS A 136 -3.55 3.37 13.96
CA CYS A 136 -2.40 3.10 14.82
C CYS A 136 -2.65 3.72 16.18
N VAL A 137 -2.34 2.97 17.24
CA VAL A 137 -2.40 3.47 18.61
C VAL A 137 -1.06 3.19 19.28
N HIS A 138 -0.57 4.17 20.04
CA HIS A 138 0.70 4.04 20.74
C HIS A 138 0.74 2.76 21.56
N LYS A 139 1.90 2.09 21.52
CA LYS A 139 2.05 0.82 22.22
C LYS A 139 1.71 0.92 23.70
N LYS A 140 2.07 2.04 24.35
CA LYS A 140 1.84 2.18 25.78
C LYS A 140 0.41 2.53 26.14
N LEU A 141 -0.40 2.94 25.17
CA LEU A 141 -1.77 3.33 25.46
C LEU A 141 -2.76 2.42 24.77
N ARG A 142 -2.37 1.16 24.56
CA ARG A 142 -3.28 0.18 23.98
C ARG A 142 -4.09 -0.51 25.06
N SER A 143 -5.12 -1.23 24.63
CA SER A 143 -6.07 -1.88 25.53
C SER A 143 -6.84 -0.87 26.37
N LYS A 144 -6.85 0.39 25.96
CA LYS A 144 -7.67 1.42 26.58
C LYS A 144 -8.90 1.75 25.74
N ARG A 145 -9.24 0.87 24.79
CA ARG A 145 -10.41 1.05 23.93
C ARG A 145 -10.37 2.38 23.19
N VAL A 146 -9.19 2.73 22.68
CA VAL A 146 -9.07 3.91 21.83
C VAL A 146 -9.38 3.58 20.38
N ALA A 147 -8.87 2.46 19.87
CA ALA A 147 -9.10 2.11 18.48
C ALA A 147 -10.58 2.01 18.11
N PRO A 148 -11.44 1.40 18.93
CA PRO A 148 -12.87 1.35 18.55
C PRO A 148 -13.48 2.73 18.42
N VAL A 149 -13.12 3.66 19.31
CA VAL A 149 -13.62 5.03 19.22
C VAL A 149 -13.09 5.68 17.95
N LEU A 150 -11.83 5.44 17.61
CA LEU A 150 -11.28 5.96 16.37
C LEU A 150 -12.07 5.48 15.16
N ILE A 151 -12.42 4.20 15.15
CA ILE A 151 -13.19 3.64 14.04
C ILE A 151 -14.57 4.28 13.97
N ARG A 152 -15.26 4.36 15.10
CA ARG A 152 -16.56 5.01 15.13
C ARG A 152 -16.49 6.45 14.63
N GLU A 153 -15.46 7.19 15.08
CA GLU A 153 -15.40 8.62 14.79
C GLU A 153 -15.09 8.86 13.32
N ILE A 154 -14.19 8.06 12.74
CA ILE A 154 -13.95 8.21 11.30
C ILE A 154 -15.20 7.82 10.52
N THR A 155 -15.94 6.81 11.00
CA THR A 155 -17.20 6.46 10.33
C THR A 155 -18.16 7.62 10.37
N ARG A 156 -18.30 8.27 11.52
CA ARG A 156 -19.18 9.42 11.66
C ARG A 156 -18.77 10.55 10.71
N ARG A 157 -17.47 10.88 10.69
CA ARG A 157 -17.01 11.96 9.84
C ARG A 157 -17.18 11.64 8.37
N VAL A 158 -17.05 10.37 7.99
CA VAL A 158 -17.29 9.99 6.59
C VAL A 158 -18.77 10.05 6.25
N ASN A 159 -19.63 9.56 7.14
CA ASN A 159 -21.06 9.61 6.91
C ASN A 159 -21.53 11.04 6.71
N LEU A 160 -21.05 11.97 7.55
CA LEU A 160 -21.49 13.35 7.46
C LEU A 160 -21.11 13.98 6.13
N GLU A 161 -20.19 13.37 5.38
CA GLU A 161 -19.87 13.81 4.03
C GLU A 161 -20.69 13.06 2.99
N GLY A 162 -21.63 12.22 3.41
CA GLY A 162 -22.52 11.54 2.48
C GLY A 162 -22.00 10.24 1.92
N ILE A 163 -21.00 9.63 2.55
CA ILE A 163 -20.41 8.38 2.10
C ILE A 163 -20.69 7.32 3.15
N PHE A 164 -21.11 6.14 2.71
CA PHE A 164 -21.58 5.11 3.62
C PHE A 164 -20.99 3.73 3.34
N GLN A 165 -20.04 3.63 2.43
CA GLN A 165 -19.29 2.39 2.21
C GLN A 165 -17.80 2.67 2.36
N ALA A 166 -17.03 1.65 2.73
CA ALA A 166 -15.59 1.82 2.81
C ALA A 166 -14.90 0.57 2.29
N VAL A 167 -13.62 0.70 1.96
CA VAL A 167 -12.76 -0.45 1.66
C VAL A 167 -11.49 -0.29 2.47
N TYR A 168 -10.95 -1.44 2.91
CA TYR A 168 -9.71 -1.41 3.68
C TYR A 168 -9.08 -2.79 3.68
N THR A 169 -7.86 -2.86 4.22
CA THR A 169 -7.11 -4.08 4.30
C THR A 169 -6.64 -4.27 5.74
N ALA A 170 -6.31 -5.52 6.06
CA ALA A 170 -5.83 -5.82 7.40
C ALA A 170 -5.09 -7.14 7.38
N GLY A 171 -4.17 -7.29 8.33
CA GLY A 171 -3.52 -8.56 8.53
C GLY A 171 -4.36 -9.49 9.37
N VAL A 172 -5.20 -8.94 10.24
CA VAL A 172 -6.05 -9.75 11.09
C VAL A 172 -7.20 -10.29 10.26
N VAL A 173 -7.58 -11.53 10.54
CA VAL A 173 -8.70 -12.15 9.86
C VAL A 173 -9.96 -11.74 10.58
N LEU A 174 -10.76 -10.90 9.94
CA LEU A 174 -12.05 -10.50 10.42
C LEU A 174 -13.13 -11.25 9.67
N PRO A 175 -14.37 -11.20 10.14
CA PRO A 175 -15.45 -11.90 9.43
C PRO A 175 -15.55 -11.44 7.99
N LYS A 176 -15.67 -12.41 7.08
CA LYS A 176 -16.10 -12.18 5.72
C LYS A 176 -15.22 -11.18 5.00
N PRO A 177 -13.93 -11.47 4.85
CA PRO A 177 -13.13 -10.71 3.89
C PRO A 177 -13.64 -10.96 2.49
N ILE A 178 -13.42 -9.99 1.61
CA ILE A 178 -13.80 -10.20 0.23
C ILE A 178 -12.73 -10.96 -0.52
N ALA A 179 -11.48 -10.92 -0.05
CA ALA A 179 -10.40 -11.64 -0.69
C ALA A 179 -9.22 -11.73 0.27
N THR A 180 -8.40 -12.76 0.07
CA THR A 180 -7.16 -12.95 0.80
C THR A 180 -6.03 -13.00 -0.21
N CYS A 181 -5.03 -12.14 -0.04
CA CYS A 181 -3.88 -12.10 -0.95
C CYS A 181 -2.62 -12.44 -0.18
N ARG A 182 -1.64 -13.00 -0.89
CA ARG A 182 -0.39 -13.45 -0.30
C ARG A 182 0.74 -12.58 -0.81
N TYR A 183 1.61 -12.17 0.11
CA TYR A 183 2.83 -11.46 -0.27
C TYR A 183 3.89 -12.43 -0.78
N TRP A 184 4.56 -12.03 -1.85
CA TRP A 184 5.75 -12.66 -2.39
C TRP A 184 6.86 -11.63 -2.46
N HIS A 185 8.10 -12.11 -2.39
CA HIS A 185 9.27 -11.24 -2.26
C HIS A 185 10.36 -11.68 -3.23
N ARG A 186 10.90 -10.74 -4.00
CA ARG A 186 11.99 -10.98 -4.93
C ARG A 186 13.24 -10.33 -4.34
N SER A 187 14.18 -11.16 -3.88
N SER A 187 14.19 -11.15 -3.92
CA SER A 187 15.45 -10.68 -3.35
CA SER A 187 15.39 -10.62 -3.28
C SER A 187 16.20 -9.89 -4.41
C SER A 187 16.26 -9.93 -4.33
N LEU A 188 16.66 -8.69 -4.05
CA LEU A 188 17.61 -7.96 -4.86
C LEU A 188 18.98 -7.85 -4.21
N ASN A 189 19.05 -7.93 -2.88
CA ASN A 189 20.30 -7.88 -2.11
C ASN A 189 20.27 -9.06 -1.15
N PRO A 190 20.42 -10.27 -1.70
CA PRO A 190 20.26 -11.48 -0.86
C PRO A 190 21.10 -11.49 0.40
N ARG A 191 22.37 -11.05 0.36
CA ARG A 191 23.19 -11.15 1.56
C ARG A 191 22.60 -10.32 2.68
N LYS A 192 22.25 -9.06 2.41
CA LYS A 192 21.64 -8.24 3.44
C LYS A 192 20.35 -8.87 3.96
N LEU A 193 19.50 -9.35 3.04
CA LEU A 193 18.24 -9.96 3.47
C LEU A 193 18.50 -11.11 4.44
N VAL A 194 19.52 -11.93 4.15
CA VAL A 194 19.86 -13.04 5.04
C VAL A 194 20.45 -12.53 6.34
N GLU A 195 21.32 -11.52 6.28
CA GLU A 195 21.94 -11.02 7.50
C GLU A 195 20.89 -10.54 8.49
N VAL A 196 19.86 -9.83 8.01
CA VAL A 196 18.85 -9.28 8.93
C VAL A 196 17.73 -10.26 9.20
N LYS A 197 17.78 -11.46 8.64
CA LYS A 197 16.78 -12.50 8.84
C LYS A 197 15.44 -12.15 8.19
N PHE A 198 15.44 -11.24 7.22
CA PHE A 198 14.28 -11.11 6.34
C PHE A 198 14.16 -12.33 5.44
N SER A 199 15.29 -12.93 5.08
CA SER A 199 15.35 -14.11 4.24
C SER A 199 16.22 -15.15 4.93
N HIS A 200 16.46 -16.27 4.26
CA HIS A 200 17.36 -17.31 4.78
C HIS A 200 18.17 -17.89 3.64
N LEU A 201 19.28 -18.53 3.99
CA LEU A 201 20.09 -19.21 3.00
C LEU A 201 19.26 -20.28 2.31
N SER A 202 19.48 -20.44 1.01
CA SER A 202 18.85 -21.52 0.27
C SER A 202 18.97 -22.83 1.05
N ARG A 203 17.99 -23.71 0.85
CA ARG A 203 18.00 -24.98 1.57
C ARG A 203 19.19 -25.84 1.20
N ASN A 204 19.81 -25.60 0.04
N ASN A 204 19.78 -25.62 0.01
CA ASN A 204 20.92 -26.45 -0.38
CA ASN A 204 20.88 -26.46 -0.44
C ASN A 204 21.93 -25.73 -1.26
C ASN A 204 21.94 -25.72 -1.25
N MET A 205 22.07 -24.42 -1.09
CA MET A 205 23.05 -23.66 -1.85
C MET A 205 23.85 -22.78 -0.90
N THR A 206 25.07 -22.47 -1.32
CA THR A 206 25.87 -21.50 -0.60
C THR A 206 25.29 -20.10 -0.82
N LEU A 207 25.66 -19.19 0.07
CA LEU A 207 25.27 -17.79 -0.10
C LEU A 207 25.72 -17.27 -1.45
N GLN A 208 26.94 -17.63 -1.87
CA GLN A 208 27.42 -17.12 -3.14
C GLN A 208 26.58 -17.61 -4.30
N ARG A 209 26.21 -18.90 -4.30
CA ARG A 209 25.39 -19.41 -5.38
C ARG A 209 24.00 -18.80 -5.36
N THR A 210 23.48 -18.48 -4.17
CA THR A 210 22.21 -17.76 -4.08
C THR A 210 22.32 -16.39 -4.73
N MET A 211 23.38 -15.64 -4.40
CA MET A 211 23.57 -14.32 -5.00
C MET A 211 23.67 -14.42 -6.52
N LYS A 212 24.39 -15.44 -7.03
CA LYS A 212 24.44 -15.62 -8.48
C LYS A 212 23.07 -15.98 -9.05
N LEU A 213 22.25 -16.71 -8.27
CA LEU A 213 20.94 -17.12 -8.76
C LEU A 213 20.04 -15.92 -8.99
N TYR A 214 20.08 -14.93 -8.09
CA TYR A 214 19.21 -13.77 -8.15
C TYR A 214 19.80 -12.61 -8.92
N ARG A 215 20.92 -12.82 -9.62
CA ARG A 215 21.54 -11.74 -10.36
C ARG A 215 20.64 -11.30 -11.51
N LEU A 216 20.49 -10.00 -11.67
CA LEU A 216 19.67 -9.41 -12.72
C LEU A 216 20.55 -8.77 -13.79
N PRO A 217 20.03 -8.61 -15.01
CA PRO A 217 20.75 -7.82 -16.02
C PRO A 217 20.99 -6.40 -15.52
N ASP A 218 21.96 -5.73 -16.17
CA ASP A 218 22.28 -4.36 -15.78
C ASP A 218 21.42 -3.32 -16.49
N VAL A 219 20.73 -3.70 -17.57
CA VAL A 219 19.94 -2.75 -18.34
C VAL A 219 18.59 -3.37 -18.67
N THR A 220 17.56 -2.52 -18.73
CA THR A 220 16.24 -2.97 -19.12
C THR A 220 16.21 -3.37 -20.58
N LYS A 221 15.17 -4.10 -20.96
CA LYS A 221 15.05 -4.66 -22.31
C LYS A 221 13.97 -3.99 -23.16
N THR A 222 12.89 -3.52 -22.56
CA THR A 222 11.74 -3.06 -23.34
C THR A 222 12.06 -1.75 -24.05
N SER A 223 11.78 -1.71 -25.35
CA SER A 223 11.96 -0.50 -26.13
C SER A 223 10.93 0.53 -25.74
N GLY A 224 11.34 1.79 -25.70
CA GLY A 224 10.43 2.87 -25.36
C GLY A 224 10.12 3.01 -23.89
N LEU A 225 10.78 2.25 -23.03
CA LEU A 225 10.56 2.36 -21.59
C LEU A 225 11.19 3.65 -21.08
N ARG A 226 10.40 4.48 -20.40
CA ARG A 226 10.89 5.75 -19.91
C ARG A 226 10.00 6.21 -18.76
N PRO A 227 10.51 7.07 -17.89
CA PRO A 227 9.67 7.55 -16.78
C PRO A 227 8.41 8.25 -17.28
N MET A 228 7.33 8.11 -16.52
CA MET A 228 6.10 8.81 -16.84
C MET A 228 6.28 10.32 -16.67
N GLU A 229 5.63 11.07 -17.53
CA GLU A 229 5.65 12.53 -17.53
C GLU A 229 4.23 13.06 -17.54
N PRO A 230 4.05 14.35 -17.21
CA PRO A 230 2.68 14.91 -17.20
C PRO A 230 1.91 14.70 -18.49
N LYS A 231 2.58 14.84 -19.64
CA LYS A 231 1.90 14.64 -20.92
C LYS A 231 1.33 13.24 -21.07
N ASP A 232 1.73 12.28 -20.23
CA ASP A 232 1.22 10.92 -20.31
C ASP A 232 -0.09 10.71 -19.57
N ILE A 233 -0.50 11.66 -18.72
CA ILE A 233 -1.62 11.45 -17.80
C ILE A 233 -2.81 10.82 -18.49
N LYS A 234 -3.42 11.52 -19.45
CA LYS A 234 -4.64 11.00 -20.04
C LYS A 234 -4.43 9.61 -20.61
N SER A 235 -3.31 9.39 -21.32
CA SER A 235 -3.03 8.06 -21.85
C SER A 235 -3.01 7.03 -20.72
N VAL A 236 -2.22 7.30 -19.66
CA VAL A 236 -2.18 6.37 -18.53
C VAL A 236 -3.58 6.13 -18.02
N ARG A 237 -4.39 7.18 -17.90
CA ARG A 237 -5.77 6.98 -17.44
C ARG A 237 -6.46 5.94 -18.33
N GLU A 238 -6.43 6.23 -19.59
CA GLU A 238 -7.04 5.36 -20.58
C GLU A 238 -6.54 3.90 -20.39
N LEU A 239 -5.24 3.74 -20.17
CA LEU A 239 -4.65 2.42 -20.04
C LEU A 239 -5.17 1.71 -18.80
N ILE A 240 -5.28 2.40 -17.67
CA ILE A 240 -5.55 1.68 -16.43
C ILE A 240 -7.04 1.34 -16.33
N ASN A 241 -7.92 2.32 -16.59
CA ASN A 241 -9.35 2.08 -16.45
C ASN A 241 -9.80 0.94 -17.36
N THR A 242 -9.24 0.86 -18.57
CA THR A 242 -9.53 -0.30 -19.41
C THR A 242 -9.01 -1.59 -18.79
N TYR A 243 -7.73 -1.59 -18.41
CA TYR A 243 -7.12 -2.83 -17.90
C TYR A 243 -7.87 -3.33 -16.69
N LEU A 244 -8.23 -2.42 -15.77
CA LEU A 244 -8.84 -2.85 -14.53
C LEU A 244 -10.25 -3.38 -14.72
N LYS A 245 -10.82 -3.29 -15.93
CA LYS A 245 -12.19 -3.76 -16.13
C LYS A 245 -12.34 -5.24 -15.81
N GLN A 246 -11.29 -6.03 -16.01
CA GLN A 246 -11.38 -7.48 -15.85
C GLN A 246 -11.42 -7.95 -14.40
N PHE A 247 -11.20 -7.07 -13.42
CA PHE A 247 -11.17 -7.48 -12.03
C PHE A 247 -12.47 -7.13 -11.32
N HIS A 248 -12.73 -7.84 -10.22
CA HIS A 248 -13.99 -7.71 -9.49
C HIS A 248 -13.99 -6.55 -8.49
N LEU A 249 -12.81 -6.12 -8.05
CA LEU A 249 -12.68 -5.00 -7.11
C LEU A 249 -11.55 -4.13 -7.62
N ALA A 250 -11.85 -2.87 -7.93
CA ALA A 250 -10.81 -2.04 -8.56
C ALA A 250 -11.17 -0.58 -8.45
N PRO A 251 -10.19 0.31 -8.43
CA PRO A 251 -10.47 1.74 -8.46
C PRO A 251 -10.84 2.21 -9.86
N VAL A 252 -11.61 3.29 -9.91
CA VAL A 252 -11.90 4.00 -11.15
C VAL A 252 -11.33 5.40 -11.00
N MET A 253 -10.37 5.76 -11.85
CA MET A 253 -9.61 6.98 -11.65
C MET A 253 -9.92 8.03 -12.71
N ASP A 254 -10.12 9.27 -12.26
CA ASP A 254 -10.14 10.41 -13.16
C ASP A 254 -8.71 10.88 -13.40
N GLU A 255 -8.55 11.93 -14.19
CA GLU A 255 -7.21 12.35 -14.61
C GLU A 255 -6.40 12.90 -13.45
N GLU A 256 -7.04 13.64 -12.55
CA GLU A 256 -6.33 14.14 -11.38
C GLU A 256 -5.79 13.00 -10.55
N GLU A 257 -6.59 11.94 -10.37
CA GLU A 257 -6.16 10.81 -9.56
C GLU A 257 -5.00 10.06 -10.22
N VAL A 258 -5.05 9.91 -11.55
CA VAL A 258 -3.94 9.27 -12.25
C VAL A 258 -2.66 10.08 -12.01
N ALA A 259 -2.74 11.40 -12.22
CA ALA A 259 -1.54 12.22 -12.00
C ALA A 259 -1.04 12.08 -10.57
N HIS A 260 -1.94 12.11 -9.59
CA HIS A 260 -1.51 11.98 -8.19
C HIS A 260 -0.79 10.64 -7.97
N TRP A 261 -1.44 9.54 -8.35
CA TRP A 261 -0.95 8.24 -7.94
C TRP A 261 0.24 7.75 -8.76
N PHE A 262 0.47 8.30 -9.98
CA PHE A 262 1.52 7.72 -10.82
C PHE A 262 2.65 8.67 -11.24
N LEU A 263 2.47 10.01 -11.23
CA LEU A 263 3.60 10.88 -11.62
C LEU A 263 4.79 10.63 -10.69
N PRO A 264 6.01 10.45 -11.22
CA PRO A 264 7.16 10.12 -10.36
C PRO A 264 7.36 11.13 -9.23
N ARG A 265 7.59 10.61 -8.03
CA ARG A 265 8.03 11.41 -6.90
C ARG A 265 9.20 10.65 -6.29
N GLU A 266 10.39 11.24 -6.35
CA GLU A 266 11.58 10.50 -5.91
C GLU A 266 11.43 10.04 -4.46
N HIS A 267 11.81 8.79 -4.22
CA HIS A 267 11.74 8.11 -2.93
C HIS A 267 10.32 7.78 -2.51
N ILE A 268 9.36 7.87 -3.41
CA ILE A 268 7.96 7.63 -3.06
C ILE A 268 7.30 6.72 -4.09
N ILE A 269 7.23 7.18 -5.33
CA ILE A 269 6.49 6.48 -6.38
C ILE A 269 7.27 6.59 -7.68
N ASP A 270 7.46 5.46 -8.35
CA ASP A 270 8.12 5.37 -9.64
C ASP A 270 7.14 4.78 -10.64
N THR A 271 7.00 5.43 -11.79
CA THR A 271 6.15 4.94 -12.87
C THR A 271 6.92 5.04 -14.17
N PHE A 272 6.99 3.93 -14.90
CA PHE A 272 7.64 3.87 -16.21
C PHE A 272 6.61 3.44 -17.23
N VAL A 273 6.56 4.15 -18.35
CA VAL A 273 5.63 3.88 -19.43
C VAL A 273 6.41 3.34 -20.62
N VAL A 274 5.69 2.66 -21.50
CA VAL A 274 6.25 2.12 -22.74
C VAL A 274 5.63 2.91 -23.88
N GLU A 275 6.42 3.82 -24.45
CA GLU A 275 5.99 4.60 -25.61
C GLU A 275 6.37 3.85 -26.88
N SER A 276 5.35 3.46 -27.66
CA SER A 276 5.59 2.77 -28.92
C SER A 276 6.20 3.74 -29.92
N PRO A 277 6.72 3.22 -31.04
CA PRO A 277 7.43 4.10 -31.98
C PRO A 277 6.62 5.30 -32.45
N ASN A 278 5.33 5.11 -32.73
CA ASN A 278 4.53 6.23 -33.23
C ASN A 278 4.24 7.26 -32.15
N GLY A 279 4.29 6.87 -30.88
CA GLY A 279 4.10 7.81 -29.80
C GLY A 279 3.05 7.40 -28.79
N LYS A 280 2.31 6.34 -29.10
CA LYS A 280 1.25 5.88 -28.21
C LYS A 280 1.84 5.07 -27.06
N LEU A 281 1.26 5.24 -25.88
CA LEU A 281 1.63 4.43 -24.72
C LEU A 281 0.90 3.09 -24.80
N THR A 282 1.66 2.00 -24.63
CA THR A 282 1.07 0.67 -24.68
C THR A 282 1.13 -0.09 -23.36
N ASP A 283 2.05 0.29 -22.47
CA ASP A 283 2.19 -0.40 -21.19
C ASP A 283 2.76 0.58 -20.17
N PHE A 284 2.64 0.22 -18.89
CA PHE A 284 3.42 0.92 -17.88
C PHE A 284 3.53 0.04 -16.63
N LEU A 285 4.59 0.28 -15.89
CA LEU A 285 4.84 -0.38 -14.62
C LEU A 285 5.01 0.70 -13.54
N SER A 286 4.72 0.33 -12.31
CA SER A 286 4.87 1.27 -11.21
C SER A 286 5.14 0.50 -9.92
N PHE A 287 5.92 1.13 -9.03
CA PHE A 287 6.19 0.59 -7.71
C PHE A 287 6.49 1.76 -6.80
N TYR A 288 6.12 1.61 -5.54
CA TYR A 288 6.32 2.67 -4.55
C TYR A 288 7.36 2.25 -3.50
N THR A 289 7.91 3.27 -2.83
CA THR A 289 9.04 3.12 -1.94
C THR A 289 8.56 3.10 -0.50
N LEU A 290 8.89 2.02 0.23
CA LEU A 290 8.41 1.84 1.60
C LEU A 290 9.43 1.03 2.38
N PRO A 291 10.38 1.70 3.03
CA PRO A 291 11.41 0.98 3.78
C PRO A 291 10.85 0.39 5.07
N SER A 292 11.62 -0.54 5.64
CA SER A 292 11.33 -1.07 6.96
C SER A 292 12.54 -0.80 7.86
N THR A 293 12.27 -0.32 9.07
CA THR A 293 13.25 -0.31 10.13
C THR A 293 13.63 -1.74 10.48
N VAL A 294 14.92 -2.01 10.52
CA VAL A 294 15.47 -3.24 11.09
C VAL A 294 15.74 -2.94 12.56
N MET A 295 14.98 -3.57 13.44
CA MET A 295 14.90 -3.09 14.82
C MET A 295 16.04 -3.56 15.69
N HIS A 296 16.67 -4.71 15.38
CA HIS A 296 17.72 -5.23 16.26
C HIS A 296 18.86 -5.90 15.50
N HIS A 297 19.61 -5.13 14.72
CA HIS A 297 20.79 -5.64 14.05
C HIS A 297 21.95 -4.68 14.29
N PRO A 298 23.13 -5.18 14.66
CA PRO A 298 24.26 -4.28 14.95
C PRO A 298 24.75 -3.51 13.73
N ALA A 299 24.49 -3.97 12.52
CA ALA A 299 25.06 -3.37 11.33
C ALA A 299 24.05 -2.78 10.35
N HIS A 300 22.80 -3.21 10.38
CA HIS A 300 21.78 -2.73 9.46
C HIS A 300 20.67 -2.07 10.24
N LYS A 301 20.27 -0.88 9.81
CA LYS A 301 19.18 -0.16 10.45
C LYS A 301 17.94 -0.05 9.59
N SER A 302 18.04 -0.30 8.30
CA SER A 302 16.90 -0.14 7.41
C SER A 302 16.99 -1.14 6.28
N LEU A 303 15.83 -1.50 5.77
CA LEU A 303 15.68 -2.42 4.64
C LEU A 303 14.90 -1.69 3.57
N LYS A 304 15.53 -1.43 2.43
CA LYS A 304 14.92 -0.62 1.36
C LYS A 304 14.08 -1.55 0.49
N ALA A 305 12.77 -1.34 0.51
CA ALA A 305 11.84 -2.22 -0.19
C ALA A 305 11.01 -1.46 -1.19
N ALA A 306 10.90 -2.02 -2.38
CA ALA A 306 9.95 -1.54 -3.39
C ALA A 306 8.70 -2.41 -3.33
N TYR A 307 7.55 -1.83 -3.63
CA TYR A 307 6.30 -2.58 -3.70
C TYR A 307 5.67 -2.39 -5.08
N SER A 308 5.35 -3.50 -5.75
CA SER A 308 4.57 -3.44 -6.99
C SER A 308 3.27 -2.69 -6.76
N PHE A 309 2.94 -1.79 -7.69
CA PHE A 309 1.75 -0.93 -7.57
C PHE A 309 0.78 -1.38 -8.64
N TYR A 310 0.68 -0.71 -9.78
CA TYR A 310 -0.21 -1.08 -10.88
C TYR A 310 0.66 -1.26 -12.13
N ASN A 311 0.57 -2.44 -12.76
CA ASN A 311 1.34 -2.75 -13.97
C ASN A 311 0.36 -3.14 -15.06
N ILE A 312 0.30 -2.36 -16.13
CA ILE A 312 -0.68 -2.55 -17.19
C ILE A 312 0.07 -2.96 -18.44
N HIS A 313 -0.41 -4.01 -19.11
CA HIS A 313 0.25 -4.47 -20.34
C HIS A 313 -0.81 -4.61 -21.42
N THR A 314 -0.48 -4.09 -22.66
CA THR A 314 -1.25 -4.33 -23.90
C THR A 314 -0.42 -4.83 -25.10
N GLU A 315 0.92 -4.53 -25.19
CA GLU A 315 1.90 -5.00 -26.18
C GLU A 315 3.12 -5.67 -25.59
N THR A 316 3.66 -5.17 -24.50
CA THR A 316 4.79 -5.83 -23.86
C THR A 316 4.29 -6.99 -23.00
N PRO A 317 4.94 -8.16 -23.05
CA PRO A 317 4.54 -9.25 -22.14
C PRO A 317 4.72 -8.84 -20.69
N LEU A 318 3.78 -9.24 -19.85
CA LEU A 318 3.86 -8.85 -18.45
C LEU A 318 5.15 -9.36 -17.81
N LEU A 319 5.67 -10.50 -18.25
CA LEU A 319 6.89 -11.03 -17.68
C LEU A 319 8.08 -10.11 -17.95
N ASP A 320 8.22 -9.65 -19.20
CA ASP A 320 9.29 -8.71 -19.51
C ASP A 320 9.08 -7.40 -18.78
N LEU A 321 7.82 -6.95 -18.70
CA LEU A 321 7.52 -5.74 -17.95
C LEU A 321 8.06 -5.84 -16.53
N MET A 322 7.70 -6.91 -15.81
CA MET A 322 8.09 -7.02 -14.42
C MET A 322 9.58 -7.29 -14.28
N SER A 323 10.19 -7.95 -15.26
CA SER A 323 11.65 -8.10 -15.26
C SER A 323 12.33 -6.74 -15.31
N ASP A 324 11.85 -5.85 -16.20
CA ASP A 324 12.40 -4.50 -16.24
C ASP A 324 12.12 -3.76 -14.94
N ALA A 325 10.96 -4.00 -14.33
CA ALA A 325 10.67 -3.40 -13.03
C ALA A 325 11.71 -3.81 -12.00
N LEU A 326 12.04 -5.10 -11.97
CA LEU A 326 13.07 -5.59 -11.04
C LEU A 326 14.42 -4.96 -11.34
N ILE A 327 14.77 -4.84 -12.62
CA ILE A 327 16.04 -4.23 -13.00
C ILE A 327 16.10 -2.79 -12.50
N LEU A 328 15.02 -2.04 -12.67
CA LEU A 328 15.00 -0.64 -12.26
C LEU A 328 15.09 -0.52 -10.75
N ALA A 329 14.30 -1.33 -10.03
CA ALA A 329 14.37 -1.30 -8.57
C ALA A 329 15.78 -1.63 -8.09
N LYS A 330 16.45 -2.60 -8.73
CA LYS A 330 17.82 -2.92 -8.38
C LYS A 330 18.75 -1.73 -8.62
N SER A 331 18.64 -1.12 -9.81
CA SER A 331 19.47 0.03 -10.14
C SER A 331 19.26 1.19 -9.17
N LYS A 332 18.10 1.23 -8.51
CA LYS A 332 17.81 2.32 -7.58
C LYS A 332 18.16 1.96 -6.14
N GLY A 333 18.84 0.84 -5.93
CA GLY A 333 19.36 0.49 -4.63
C GLY A 333 18.41 -0.24 -3.70
N PHE A 334 17.28 -0.74 -4.21
CA PHE A 334 16.35 -1.46 -3.36
C PHE A 334 16.94 -2.81 -2.97
N ASP A 335 16.65 -3.25 -1.74
CA ASP A 335 17.09 -4.54 -1.25
C ASP A 335 16.13 -5.67 -1.62
N VAL A 336 14.86 -5.36 -1.84
CA VAL A 336 13.84 -6.37 -2.11
C VAL A 336 12.71 -5.71 -2.89
N PHE A 337 12.02 -6.52 -3.70
CA PHE A 337 10.86 -6.10 -4.48
C PHE A 337 9.67 -6.98 -4.08
N ASN A 338 8.66 -6.38 -3.49
CA ASN A 338 7.52 -7.12 -2.96
C ASN A 338 6.33 -7.01 -3.91
N ALA A 339 5.49 -8.03 -3.89
CA ALA A 339 4.30 -8.01 -4.71
C ALA A 339 3.27 -8.98 -4.15
N LEU A 340 2.00 -8.62 -4.26
CA LEU A 340 0.93 -9.49 -3.84
C LEU A 340 0.60 -10.47 -4.98
N ASP A 341 -0.23 -11.48 -4.67
CA ASP A 341 -0.59 -12.44 -5.71
C ASP A 341 -1.92 -12.08 -6.35
N LEU A 342 -2.33 -10.81 -6.22
CA LEU A 342 -3.49 -10.35 -6.96
C LEU A 342 -3.13 -10.00 -8.39
N MET A 343 -4.16 -9.47 -9.07
CA MET A 343 -4.32 -9.13 -10.50
C MET A 343 -3.80 -10.36 -11.28
N GLU A 344 -2.88 -10.15 -12.24
CA GLU A 344 -2.30 -11.30 -12.93
C GLU A 344 -0.91 -11.65 -12.40
N ASN A 345 -0.61 -11.27 -11.16
CA ASN A 345 0.76 -11.41 -10.68
C ASN A 345 1.19 -12.87 -10.57
N LYS A 346 0.26 -13.79 -10.31
CA LYS A 346 0.63 -15.20 -10.20
C LYS A 346 1.27 -15.72 -11.49
N THR A 347 1.10 -15.02 -12.62
CA THR A 347 1.65 -15.50 -13.87
C THR A 347 3.15 -15.27 -13.98
N PHE A 348 3.75 -14.40 -13.16
CA PHE A 348 5.18 -14.14 -13.21
C PHE A 348 5.90 -14.37 -11.88
N LEU A 349 5.20 -14.51 -10.76
CA LEU A 349 5.87 -14.55 -9.47
C LEU A 349 6.94 -15.63 -9.44
N GLU A 350 6.58 -16.89 -9.72
CA GLU A 350 7.57 -17.95 -9.63
C GLU A 350 8.63 -17.83 -10.72
N LYS A 351 8.24 -17.47 -11.94
CA LYS A 351 9.20 -17.40 -13.03
C LYS A 351 10.29 -16.36 -12.75
N LEU A 352 9.93 -15.23 -12.14
CA LEU A 352 10.89 -14.17 -11.84
C LEU A 352 11.58 -14.38 -10.51
N LYS A 353 11.46 -15.58 -9.93
CA LYS A 353 12.19 -15.96 -8.72
C LYS A 353 11.70 -15.22 -7.48
N PHE A 354 10.41 -14.85 -7.45
CA PHE A 354 9.82 -14.43 -6.19
C PHE A 354 9.71 -15.64 -5.25
N GLY A 355 9.81 -15.38 -3.96
CA GLY A 355 9.58 -16.40 -2.95
C GLY A 355 8.38 -16.04 -2.11
N ILE A 356 7.59 -17.04 -1.73
CA ILE A 356 6.34 -16.79 -1.05
C ILE A 356 6.64 -16.18 0.31
N GLY A 357 5.83 -15.18 0.72
CA GLY A 357 6.02 -14.55 2.00
C GLY A 357 5.26 -15.25 3.11
N ASP A 358 5.52 -14.82 4.35
CA ASP A 358 4.80 -15.36 5.50
C ASP A 358 3.58 -14.52 5.91
N GLY A 359 3.21 -13.52 5.12
CA GLY A 359 2.12 -12.62 5.47
C GLY A 359 0.98 -12.68 4.48
N ASN A 360 -0.25 -12.61 5.01
CA ASN A 360 -1.46 -12.55 4.21
C ASN A 360 -2.17 -11.22 4.46
N LEU A 361 -2.70 -10.62 3.41
CA LEU A 361 -3.44 -9.37 3.49
C LEU A 361 -4.88 -9.63 3.10
N GLN A 362 -5.81 -9.38 4.01
CA GLN A 362 -7.24 -9.51 3.71
C GLN A 362 -7.80 -8.17 3.29
N TYR A 363 -8.71 -8.21 2.31
CA TYR A 363 -9.48 -7.05 1.88
C TYR A 363 -10.89 -7.12 2.45
N TYR A 364 -11.43 -5.96 2.84
CA TYR A 364 -12.73 -5.86 3.45
C TYR A 364 -13.49 -4.68 2.85
N LEU A 365 -14.80 -4.85 2.74
CA LEU A 365 -15.72 -3.77 2.42
C LEU A 365 -16.61 -3.52 3.63
N TYR A 366 -16.78 -2.25 3.98
CA TYR A 366 -17.67 -1.84 5.04
C TYR A 366 -19.00 -1.39 4.45
N ASN A 367 -20.07 -1.96 5.00
CA ASN A 367 -21.47 -1.70 4.60
C ASN A 367 -21.74 -2.15 3.17
N TRP A 368 -21.14 -3.26 2.76
CA TRP A 368 -21.43 -3.82 1.44
C TRP A 368 -21.32 -5.33 1.54
N ARG A 369 -22.41 -6.02 1.23
CA ARG A 369 -22.48 -7.47 1.27
C ARG A 369 -22.42 -8.01 -0.16
N CYS A 370 -21.46 -8.89 -0.43
CA CYS A 370 -21.28 -9.43 -1.76
C CYS A 370 -20.47 -10.72 -1.66
N PRO A 371 -20.51 -11.58 -2.67
CA PRO A 371 -19.68 -12.78 -2.64
C PRO A 371 -18.20 -12.42 -2.64
N GLY A 372 -17.42 -13.22 -1.92
CA GLY A 372 -15.98 -13.11 -2.01
C GLY A 372 -15.47 -13.60 -3.35
N THR A 373 -14.22 -13.26 -3.64
CA THR A 373 -13.61 -13.59 -4.92
C THR A 373 -12.17 -14.01 -4.69
N ASP A 374 -11.49 -14.41 -5.76
CA ASP A 374 -10.10 -14.84 -5.66
C ASP A 374 -9.16 -13.63 -5.74
N SER A 375 -7.93 -13.83 -5.26
CA SER A 375 -6.96 -12.74 -5.29
CA SER A 375 -6.96 -12.74 -5.29
C SER A 375 -6.69 -12.27 -6.71
N GLU A 376 -6.77 -13.17 -7.70
CA GLU A 376 -6.51 -12.74 -9.07
C GLU A 376 -7.66 -11.91 -9.64
N LYS A 377 -8.77 -11.80 -8.93
CA LYS A 377 -9.84 -10.89 -9.32
C LYS A 377 -9.81 -9.59 -8.52
N VAL A 378 -8.82 -9.42 -7.65
CA VAL A 378 -8.64 -8.18 -6.90
C VAL A 378 -7.73 -7.27 -7.72
N GLY A 379 -8.20 -6.05 -7.97
CA GLY A 379 -7.46 -5.11 -8.78
C GLY A 379 -7.26 -3.79 -8.07
N LEU A 380 -7.10 -3.86 -6.75
CA LEU A 380 -6.95 -2.69 -5.89
C LEU A 380 -5.72 -2.88 -5.01
N VAL A 381 -4.86 -1.87 -4.97
CA VAL A 381 -3.65 -1.88 -4.16
C VAL A 381 -3.64 -0.66 -3.27
N LEU A 382 -3.58 -0.86 -1.96
CA LEU A 382 -3.51 0.22 -0.99
C LEU A 382 -2.10 0.31 -0.41
N GLN A 383 -1.70 1.53 -0.03
CA GLN A 383 -0.36 1.75 0.51
C GLN A 383 -0.26 1.34 1.99
N LYS B 1 -0.28 -2.68 5.90
CA LYS B 1 -1.04 -3.32 6.98
C LYS B 1 -0.38 -4.62 7.40
N VAL B 2 0.40 -5.18 6.50
CA VAL B 2 1.06 -6.46 6.75
C VAL B 2 2.50 -6.35 6.27
N LEU B 3 3.44 -6.65 7.17
CA LEU B 3 4.86 -6.60 6.85
C LEU B 3 5.30 -8.05 6.71
N SER B 4 5.21 -8.57 5.49
CA SER B 4 5.59 -9.96 5.23
C SER B 4 7.08 -10.06 4.98
N LYS B 5 7.65 -11.21 5.35
CA LYS B 5 9.03 -11.55 5.02
C LYS B 5 9.05 -12.91 4.32
N ILE B 6 10.22 -13.30 3.82
CA ILE B 6 10.34 -14.54 3.08
C ILE B 6 10.13 -15.72 4.01
N PHE B 7 9.26 -16.65 3.62
CA PHE B 7 9.00 -17.82 4.43
C PHE B 7 10.13 -18.84 4.27
MG MG C . -6.46 1.65 23.69
C1 GOL D . 3.19 -5.28 15.42
O1 GOL D . 2.29 -5.35 14.33
C2 GOL D . 2.52 -4.43 16.52
O2 GOL D . 2.62 -5.05 17.77
C3 GOL D . 3.30 -3.10 16.50
O3 GOL D . 2.51 -2.17 17.17
H11 GOL D . 3.40 -6.15 15.77
H12 GOL D . 4.03 -4.87 15.17
HO1 GOL D . 2.40 -6.11 13.98
H2 GOL D . 1.57 -4.31 16.35
HO2 GOL D . 2.25 -4.55 18.34
H31 GOL D . 4.16 -3.23 16.91
H32 GOL D . 3.48 -2.86 15.58
HO3 GOL D . 2.96 -1.90 17.84
C1 GOL E . 0.69 -4.25 2.65
O1 GOL E . -0.23 -4.27 3.69
C2 GOL E . 0.73 -2.88 1.97
O2 GOL E . -0.18 -1.98 2.47
C3 GOL E . 2.18 -2.34 2.15
O3 GOL E . 2.33 -1.27 1.24
H11 GOL E . 1.59 -4.45 2.97
H12 GOL E . 0.49 -4.91 1.98
HO1 GOL E . -0.98 -4.43 3.33
H2 GOL E . 0.51 -3.02 1.03
HO2 GOL E . -0.95 -2.23 2.24
H31 GOL E . 2.31 -2.08 3.08
H32 GOL E . 2.81 -3.06 2.01
HO3 GOL E . 1.95 -0.59 1.60
C1 GOL F . -17.01 -7.40 3.34
O1 GOL F . -15.68 -7.62 3.67
C2 GOL F . -17.39 -8.53 2.43
O2 GOL F . -17.61 -9.74 3.09
C3 GOL F . -18.65 -8.04 1.73
O3 GOL F . -19.12 -9.07 0.89
H11 GOL F . -17.60 -7.38 4.11
H12 GOL F . -17.15 -6.54 2.88
HO1 GOL F . -15.60 -7.40 4.49
H2 GOL F . -16.65 -8.72 1.82
HO2 GOL F . -16.90 -10.20 3.04
H31 GOL F . -19.30 -7.79 2.41
H32 GOL F . -18.46 -7.22 1.26
HO3 GOL F . -18.79 -8.91 0.11
C1 GOL G . -9.56 19.74 3.34
O1 GOL G . -10.57 19.88 4.28
C2 GOL G . -9.26 21.09 2.67
O2 GOL G . -8.68 21.99 3.53
C3 GOL G . -8.30 20.64 1.55
O3 GOL G . -8.39 21.55 0.50
H11 GOL G . -8.75 19.40 3.73
H12 GOL G . -9.81 19.11 2.64
HO1 GOL G . -11.15 19.28 4.11
H2 GOL G . -10.06 21.54 2.36
H31 GOL G . -7.41 20.57 1.92
H32 GOL G . -8.55 19.73 1.29
C1 GOL H . -5.27 2.79 -5.01
O1 GOL H . -4.60 2.71 -6.21
C2 GOL H . -4.41 3.67 -4.11
O2 GOL H . -3.85 4.71 -4.82
C3 GOL H . -5.36 4.16 -3.04
O3 GOL H . -4.89 3.69 -1.83
H11 GOL H . -6.16 3.16 -5.09
H12 GOL H . -5.39 1.91 -4.58
HO1 GOL H . -4.77 3.44 -6.62
H2 GOL H . -3.67 3.16 -3.73
H31 GOL H . -5.41 5.14 -3.09
H32 GOL H . -6.26 3.85 -3.25
C1 GOL I . 16.14 3.65 10.34
O1 GOL I . 17.33 4.37 10.08
C2 GOL I . 15.16 4.58 11.10
O2 GOL I . 14.79 5.68 10.35
C3 GOL I . 13.93 3.69 11.39
O3 GOL I . 13.16 4.31 12.41
H11 GOL I . 15.71 3.34 9.53
H12 GOL I . 16.31 2.85 10.88
HO1 GOL I . 17.95 3.80 9.95
H2 GOL I . 15.59 4.91 11.91
HO2 GOL I . 14.47 6.25 10.88
H31 GOL I . 13.44 3.57 10.57
H32 GOL I . 14.25 2.80 11.64
HO3 GOL I . 13.23 3.83 13.10
C1 GOL J . -3.24 23.55 3.71
O1 GOL J . -4.51 22.94 3.62
C2 GOL J . -3.24 24.40 4.99
O2 GOL J . -3.83 23.70 6.05
C3 GOL J . -1.76 24.76 5.31
O3 GOL J . -1.74 25.45 6.57
H11 GOL J . -2.52 22.90 3.75
H12 GOL J . -3.05 24.12 2.95
HO1 GOL J . -4.70 22.90 2.80
H2 GOL J . -3.77 25.20 4.84
HO2 GOL J . -3.37 23.87 6.76
H31 GOL J . -1.24 23.95 5.32
H32 GOL J . -1.41 25.29 4.58
HO3 GOL J . -1.08 25.99 6.54
C1 GOL K . -12.32 11.47 -5.26
O1 GOL K . -12.47 10.10 -5.46
C2 GOL K . -12.22 12.13 -6.64
O2 GOL K . -13.34 11.89 -7.41
C3 GOL K . -12.05 13.62 -6.30
O3 GOL K . -11.46 14.22 -7.41
H11 GOL K . -13.05 11.85 -4.76
H12 GOL K . -11.51 11.68 -4.74
HO1 GOL K . -12.29 9.73 -4.72
H2 GOL K . -11.48 11.79 -7.16
H31 GOL K . -12.91 13.99 -6.07
H32 GOL K . -11.52 13.69 -5.49
C1 GOL L . -14.47 14.32 -0.84
O1 GOL L . -13.72 15.39 -1.30
C2 GOL L . -15.44 13.93 -1.97
O2 GOL L . -14.77 13.46 -3.09
C3 GOL L . -16.31 12.84 -1.31
O3 GOL L . -17.39 12.60 -2.16
H11 GOL L . -13.93 13.55 -0.60
H12 GOL L . -14.99 14.54 -0.05
HO1 GOL L . -13.27 15.68 -0.64
H2 GOL L . -15.96 14.68 -2.28
HO2 GOL L . -15.36 13.25 -3.66
H31 GOL L . -15.76 12.05 -1.16
H32 GOL L . -16.57 13.14 -0.43
HO3 GOL L . -17.93 12.11 -1.73
O19 4PS M . -7.75 -3.42 22.20
P20 4PS M . -8.38 -2.06 21.93
O21 4PS M . -8.36 -1.20 23.18
O22 4PS M . -9.93 -2.28 21.39
O23 4PS M . -7.51 -1.40 20.70
P24 4PS M . -6.14 -0.52 20.91
O25 4PS M . -6.50 0.91 21.24
O26 4PS M . -5.25 -1.14 21.98
O27 4PS M . -5.40 -0.55 19.43
C28 4PS M . -5.72 -1.62 18.56
C29 4PS M . -4.71 -1.53 17.40
C30 4PS M . -4.86 -2.76 16.51
C31 4PS M . -4.95 -0.24 16.61
C32 4PS M . -3.27 -1.48 17.98
O33 4PS M . -2.92 -2.75 18.42
C34 4PS M . -2.23 -1.02 16.94
O35 4PS M . -2.03 0.13 16.70
N36 4PS M . -1.44 -2.04 16.24
C37 4PS M . -0.43 -1.61 15.25
C38 4PS M . -1.13 -0.94 14.06
C39 4PS M . -1.97 -1.96 13.25
O40 4PS M . -1.71 -3.13 13.32
N41 4PS M . -3.11 -1.50 12.42
C42 4PS M . -3.89 -2.49 11.64
C43 4PS M . -5.42 -2.25 11.65
S44 4PS M . -6.25 -3.90 11.79
H28 4PS M . -6.63 -1.52 18.23
H28A 4PS M . -5.63 -2.47 19.02
H30 4PS M . -5.63 -2.64 15.94
H30A 4PS M . -4.06 -2.85 15.96
H30B 4PS M . -4.98 -3.55 17.06
H31 4PS M . -5.90 -0.10 16.49
H31A 4PS M . -4.52 -0.30 15.75
H31B 4PS M . -4.57 0.52 17.10
H32 4PS M . -3.29 -0.84 18.70
HO33 4PS M . -2.12 -2.74 18.72
HN36 4PS M . -1.57 -2.87 16.40
H37 4PS M . 0.06 -2.38 14.94
H37A 4PS M . 0.18 -0.98 15.66
H38 4PS M . -1.71 -0.23 14.39
H38A 4PS M . -0.46 -0.55 13.48
HN41 4PS M . -3.31 -0.67 12.39
H42 4PS M . -3.72 -3.36 12.02
H42A 4PS M . -3.57 -2.46 10.73
H43 4PS M . -5.68 -1.82 10.82
H43A 4PS M . -5.67 -1.69 12.39
S SO4 N . 25.05 -21.83 -9.68
O1 SO4 N . 24.47 -20.56 -10.06
O2 SO4 N . 26.46 -21.94 -10.08
O3 SO4 N . 24.84 -21.68 -8.28
O4 SO4 N . 24.28 -22.98 -10.14
C1 MYR O . -6.19 -0.03 8.52
O1 MYR O . -5.84 1.03 8.93
C2 MYR O . -7.70 -0.27 8.27
C3 MYR O . -8.42 -0.25 9.65
C4 MYR O . -9.92 -0.47 9.32
C5 MYR O . -10.68 -0.49 10.70
C6 MYR O . -12.23 -0.61 10.45
C7 MYR O . -12.75 0.57 9.56
C8 MYR O . -14.29 0.40 9.33
C9 MYR O . -14.83 1.45 8.28
C10 MYR O . -14.69 2.88 8.89
C11 MYR O . -15.14 3.95 7.85
C12 MYR O . -16.65 3.80 7.55
C13 MYR O . -17.03 4.87 6.51
C14 MYR O . -18.45 4.58 6.00
#